data_6WMQ
#
_entry.id   6WMQ
#
_cell.length_a   164.570
_cell.length_b   48.500
_cell.length_c   58.620
_cell.angle_alpha   90.000
_cell.angle_beta   105.300
_cell.angle_gamma   90.000
#
_symmetry.space_group_name_H-M   'C 1 2 1'
#
loop_
_entity.id
_entity.type
_entity.pdbx_description
1 polymer 'Nuclear receptor Rev-ErbA beta variant 1'
2 polymer 'Nuclear receptor corepressor 1'
3 non-polymer 'PROTOPORPHYRIN IX CONTAINING FE'
4 water water
#
loop_
_entity_poly.entity_id
_entity_poly.type
_entity_poly.pdbx_seq_one_letter_code
_entity_poly.pdbx_strand_id
1 'polypeptide(L)'
;HLVCPMSKSPYVDPHKSGHEIWEEFSMSFTPAVKEVVEFAKRIPGFRDLSQHDQVNLLKAGTFEVLMVRFASLFDAKERT
VTFLSGKKYSVDDLHSMGAGDLLNSMFEFSEKLNALQLSDEEMSLFTAVVLVSADRSGIENVNSVEALQETLIRALRTLI
MKNHPNEASIFTKLLLKLPDLRSLNNMHSEELLAFKVHP
;
A,B
2 'polypeptide(L)' RTHRLITLADHICQIITQDFARN E,F
#
# COMPACT_ATOMS: atom_id res chain seq x y z
N HIS A 1 -21.95 10.04 -15.50
CA HIS A 1 -20.71 9.57 -16.13
C HIS A 1 -20.07 8.37 -15.41
N LEU A 2 -19.17 7.68 -16.11
CA LEU A 2 -18.33 6.55 -15.65
C LEU A 2 -16.92 6.84 -16.19
N VAL A 3 -16.09 7.50 -15.39
CA VAL A 3 -14.81 7.97 -15.90
C VAL A 3 -13.69 6.95 -15.73
N CYS A 4 -14.01 5.69 -15.68
CA CYS A 4 -12.91 4.73 -15.59
C CYS A 4 -12.38 4.40 -16.98
N PRO A 5 -11.06 4.56 -17.23
CA PRO A 5 -10.53 4.29 -18.58
C PRO A 5 -10.59 2.82 -18.98
N MET A 6 -11.00 1.92 -18.09
CA MET A 6 -11.41 0.59 -18.53
C MET A 6 -12.75 0.64 -19.27
N SER A 7 -13.51 1.72 -19.12
CA SER A 7 -14.66 1.96 -19.97
C SER A 7 -14.18 2.12 -21.41
N LYS A 8 -15.12 2.04 -22.35
CA LYS A 8 -14.82 2.39 -23.73
C LYS A 8 -15.11 3.84 -24.03
N SER A 9 -15.89 4.51 -23.15
CA SER A 9 -16.09 5.95 -23.20
C SER A 9 -16.63 6.37 -21.85
N PRO A 10 -16.16 7.49 -21.28
CA PRO A 10 -16.75 7.98 -20.02
C PRO A 10 -18.21 8.35 -20.12
N TYR A 11 -18.75 8.44 -21.34
CA TYR A 11 -20.13 8.90 -21.52
C TYR A 11 -21.11 7.78 -21.23
N VAL A 12 -22.04 8.03 -20.33
CA VAL A 12 -23.08 7.07 -19.97
C VAL A 12 -24.42 7.56 -20.48
N ASP A 13 -25.17 6.67 -21.11
CA ASP A 13 -26.56 6.94 -21.45
C ASP A 13 -27.37 7.26 -20.19
N PRO A 14 -27.97 8.45 -20.08
CA PRO A 14 -28.77 8.77 -18.90
C PRO A 14 -30.05 7.97 -18.81
N HIS A 15 -30.42 7.24 -19.87
CA HIS A 15 -31.67 6.51 -19.90
C HIS A 15 -31.47 5.00 -19.87
N LYS A 16 -30.33 4.54 -19.36
CA LYS A 16 -30.08 3.13 -19.13
C LYS A 16 -29.96 2.90 -17.62
N SER A 17 -30.44 1.75 -17.17
CA SER A 17 -30.41 1.46 -15.74
C SER A 17 -28.99 1.17 -15.28
N GLY A 18 -28.81 1.15 -13.96
CA GLY A 18 -27.49 0.96 -13.40
C GLY A 18 -26.85 -0.36 -13.81
N HIS A 19 -27.64 -1.43 -13.82
CA HIS A 19 -27.05 -2.73 -14.09
C HIS A 19 -26.76 -2.93 -15.57
N GLU A 20 -27.46 -2.23 -16.45
CA GLU A 20 -27.16 -2.32 -17.87
C GLU A 20 -25.93 -1.49 -18.24
N ILE A 21 -25.77 -0.32 -17.62
CA ILE A 21 -24.50 0.40 -17.71
C ILE A 21 -23.38 -0.50 -17.22
N TRP A 22 -23.52 -1.04 -16.01
CA TRP A 22 -22.44 -1.82 -15.43
C TRP A 22 -22.13 -3.03 -16.30
N GLU A 23 -23.14 -3.65 -16.90
CA GLU A 23 -22.87 -4.78 -17.78
C GLU A 23 -22.10 -4.35 -19.02
N GLU A 24 -22.39 -3.17 -19.55
CA GLU A 24 -21.61 -2.65 -20.67
C GLU A 24 -20.16 -2.45 -20.25
N PHE A 25 -19.97 -1.76 -19.12
CA PHE A 25 -18.66 -1.61 -18.51
C PHE A 25 -17.94 -2.95 -18.43
N SER A 26 -18.67 -4.00 -18.06
CA SER A 26 -18.04 -5.27 -17.74
C SER A 26 -17.53 -5.96 -18.99
N MET A 27 -18.30 -5.91 -20.10
CA MET A 27 -17.78 -6.53 -21.31
C MET A 27 -16.65 -5.73 -21.94
N SER A 28 -16.27 -4.62 -21.33
CA SER A 28 -15.07 -3.88 -21.67
C SER A 28 -13.90 -4.26 -20.78
N PHE A 29 -14.10 -4.32 -19.45
CA PHE A 29 -12.98 -4.64 -18.58
C PHE A 29 -12.77 -6.14 -18.37
N THR A 30 -13.78 -6.96 -18.62
CA THR A 30 -13.62 -8.40 -18.43
C THR A 30 -12.48 -9.00 -19.24
N PRO A 31 -12.29 -8.67 -20.52
CA PRO A 31 -11.11 -9.20 -21.23
C PRO A 31 -9.80 -8.85 -20.56
N ALA A 32 -9.63 -7.61 -20.08
CA ALA A 32 -8.36 -7.23 -19.46
C ALA A 32 -8.09 -8.04 -18.20
N VAL A 33 -9.13 -8.40 -17.46
CA VAL A 33 -8.96 -9.22 -16.26
C VAL A 33 -8.53 -10.64 -16.65
N LYS A 34 -9.25 -11.23 -17.62
CA LYS A 34 -8.90 -12.56 -18.10
C LYS A 34 -7.46 -12.65 -18.55
N GLU A 35 -6.89 -11.56 -19.09
CA GLU A 35 -5.48 -11.58 -19.48
C GLU A 35 -4.55 -11.54 -18.28
N VAL A 36 -4.96 -10.94 -17.18
CA VAL A 36 -4.22 -11.08 -15.92
C VAL A 36 -4.25 -12.53 -15.45
N VAL A 37 -5.41 -13.17 -15.55
CA VAL A 37 -5.49 -14.58 -15.21
C VAL A 37 -4.55 -15.40 -16.07
N GLU A 38 -4.68 -15.28 -17.40
CA GLU A 38 -3.78 -15.96 -18.32
C GLU A 38 -2.32 -15.65 -17.98
N PHE A 39 -2.01 -14.38 -17.74
CA PHE A 39 -0.64 -14.01 -17.37
C PHE A 39 -0.18 -14.68 -16.07
N ALA A 40 -1.09 -14.89 -15.11
CA ALA A 40 -0.67 -15.51 -13.86
C ALA A 40 -0.26 -16.97 -14.09
N LYS A 41 -1.06 -17.70 -14.87
CA LYS A 41 -0.79 -19.15 -15.16
C LYS A 41 0.60 -19.33 -15.79
N ARG A 42 1.10 -18.30 -16.47
CA ARG A 42 2.40 -18.35 -17.14
C ARG A 42 3.56 -17.96 -16.24
N ILE A 43 3.29 -17.43 -15.05
CA ILE A 43 4.35 -17.30 -14.04
C ILE A 43 4.55 -18.69 -13.46
N PRO A 44 5.77 -19.23 -13.49
CA PRO A 44 5.92 -20.68 -13.25
C PRO A 44 5.69 -21.09 -11.80
N GLY A 45 6.31 -20.38 -10.84
CA GLY A 45 6.05 -20.69 -9.45
C GLY A 45 4.61 -20.47 -9.03
N PHE A 46 3.87 -19.64 -9.78
CA PHE A 46 2.50 -19.32 -9.44
C PHE A 46 1.61 -20.56 -9.41
N ARG A 47 1.76 -21.44 -10.41
CA ARG A 47 0.91 -22.61 -10.47
C ARG A 47 1.13 -23.54 -9.29
N ASP A 48 2.23 -23.38 -8.56
CA ASP A 48 2.55 -24.21 -7.41
C ASP A 48 2.01 -23.66 -6.11
N LEU A 49 1.34 -22.51 -6.12
CA LEU A 49 0.61 -22.11 -4.93
C LEU A 49 -0.72 -22.84 -4.91
N SER A 50 -1.30 -22.95 -3.72
CA SER A 50 -2.61 -23.60 -3.61
C SER A 50 -3.62 -22.85 -4.48
N GLN A 51 -4.74 -23.51 -4.79
CA GLN A 51 -5.76 -22.84 -5.58
C GLN A 51 -6.27 -21.61 -4.86
N HIS A 52 -6.40 -21.70 -3.53
CA HIS A 52 -6.90 -20.60 -2.71
C HIS A 52 -5.98 -19.39 -2.78
N ASP A 53 -4.67 -19.59 -2.67
CA ASP A 53 -3.73 -18.47 -2.73
C ASP A 53 -3.66 -17.87 -4.13
N GLN A 54 -3.67 -18.73 -5.17
CA GLN A 54 -3.74 -18.27 -6.54
C GLN A 54 -4.92 -17.33 -6.75
N VAL A 55 -6.11 -17.72 -6.31
CA VAL A 55 -7.28 -16.88 -6.49
C VAL A 55 -7.15 -15.60 -5.68
N ASN A 56 -6.63 -15.72 -4.46
CA ASN A 56 -6.55 -14.55 -3.59
C ASN A 56 -5.55 -13.55 -4.09
N LEU A 57 -4.44 -14.03 -4.67
CA LEU A 57 -3.43 -13.12 -5.19
C LEU A 57 -3.98 -12.35 -6.36
N LEU A 58 -4.83 -13.01 -7.15
CA LEU A 58 -5.44 -12.41 -8.32
C LEU A 58 -6.56 -11.44 -7.93
N LYS A 59 -7.44 -11.87 -7.01
CA LYS A 59 -8.44 -10.98 -6.41
C LYS A 59 -7.80 -9.67 -5.94
N ALA A 60 -6.65 -9.75 -5.28
CA ALA A 60 -6.05 -8.57 -4.65
C ALA A 60 -5.03 -7.85 -5.54
N GLY A 61 -4.41 -8.51 -6.51
CA GLY A 61 -3.35 -7.89 -7.28
C GLY A 61 -3.72 -7.53 -8.71
N THR A 62 -4.91 -7.93 -9.16
CA THR A 62 -5.29 -7.64 -10.54
C THR A 62 -5.25 -6.14 -10.85
N PHE A 63 -5.82 -5.30 -9.98
CA PHE A 63 -5.81 -3.87 -10.24
C PHE A 63 -4.38 -3.36 -10.36
N GLU A 64 -3.51 -3.76 -9.42
CA GLU A 64 -2.13 -3.28 -9.45
C GLU A 64 -1.46 -3.74 -10.74
N VAL A 65 -1.72 -4.99 -11.12
CA VAL A 65 -1.15 -5.54 -12.35
C VAL A 65 -1.58 -4.70 -13.55
N LEU A 66 -2.86 -4.39 -13.62
CA LEU A 66 -3.39 -3.59 -14.72
C LEU A 66 -2.81 -2.17 -14.73
N MET A 67 -2.71 -1.52 -13.56
CA MET A 67 -2.15 -0.17 -13.48
C MET A 67 -0.77 -0.11 -14.11
N VAL A 68 0.03 -1.16 -13.90
CA VAL A 68 1.32 -1.26 -14.55
C VAL A 68 1.15 -1.42 -16.06
N ARG A 69 0.27 -2.32 -16.48
CA ARG A 69 0.18 -2.64 -17.90
C ARG A 69 -0.37 -1.47 -18.68
N PHE A 70 -1.42 -0.83 -18.16
CA PHE A 70 -2.10 0.29 -18.79
C PHE A 70 -1.58 1.64 -18.31
N ALA A 71 -0.43 1.69 -17.66
CA ALA A 71 0.20 2.98 -17.40
C ALA A 71 0.45 3.73 -18.69
N SER A 72 0.75 3.00 -19.77
CA SER A 72 0.97 3.62 -21.07
C SER A 72 -0.26 4.37 -21.60
N LEU A 73 -1.44 4.10 -21.02
CA LEU A 73 -2.70 4.75 -21.44
C LEU A 73 -2.78 6.18 -20.92
N PHE A 74 -1.76 6.64 -20.17
CA PHE A 74 -1.74 7.98 -19.62
C PHE A 74 -0.60 8.76 -20.30
N ASP A 75 -0.96 9.61 -21.25
CA ASP A 75 0.00 10.47 -21.93
C ASP A 75 0.29 11.70 -21.08
N ALA A 76 1.47 11.74 -20.47
CA ALA A 76 1.84 12.89 -19.64
C ALA A 76 2.07 14.14 -20.47
N LYS A 77 2.62 14.00 -21.67
CA LYS A 77 2.91 15.16 -22.50
C LYS A 77 1.62 15.76 -23.06
N GLU A 78 0.83 14.94 -23.75
CA GLU A 78 -0.46 15.36 -24.28
C GLU A 78 -1.49 15.66 -23.19
N ARG A 79 -1.26 15.18 -21.96
CA ARG A 79 -2.19 15.33 -20.84
C ARG A 79 -3.56 14.73 -21.19
N THR A 80 -3.52 13.52 -21.72
CA THR A 80 -4.70 12.78 -22.14
C THR A 80 -4.70 11.37 -21.54
N VAL A 81 -5.89 10.80 -21.49
CA VAL A 81 -6.08 9.40 -21.13
C VAL A 81 -6.71 8.69 -22.30
N THR A 82 -6.16 7.54 -22.66
CA THR A 82 -6.74 6.69 -23.68
C THR A 82 -7.62 5.65 -23.00
N PHE A 83 -8.89 5.61 -23.39
CA PHE A 83 -9.81 4.61 -22.91
C PHE A 83 -9.65 3.35 -23.76
N LEU A 84 -10.25 2.25 -23.29
CA LEU A 84 -9.98 0.94 -23.90
C LEU A 84 -10.48 0.86 -25.33
N SER A 85 -11.59 1.52 -25.65
CA SER A 85 -12.06 1.54 -27.03
C SER A 85 -11.03 2.12 -28.00
N GLY A 86 -10.03 2.84 -27.49
CA GLY A 86 -9.04 3.51 -28.32
C GLY A 86 -9.15 5.01 -28.30
N LYS A 87 -10.28 5.55 -27.86
CA LYS A 87 -10.45 6.99 -27.86
C LYS A 87 -9.70 7.64 -26.71
N LYS A 88 -9.29 8.89 -26.95
CA LYS A 88 -8.49 9.67 -26.01
C LYS A 88 -9.34 10.81 -25.47
N TYR A 89 -9.22 11.06 -24.18
CA TYR A 89 -9.93 12.16 -23.55
C TYR A 89 -8.91 12.99 -22.80
N SER A 90 -9.07 14.31 -22.87
CA SER A 90 -8.18 15.20 -22.15
C SER A 90 -8.43 15.12 -20.65
N VAL A 91 -7.41 15.43 -19.86
CA VAL A 91 -7.59 15.48 -18.42
C VAL A 91 -8.65 16.49 -18.06
N ASP A 92 -8.56 17.68 -18.65
CA ASP A 92 -9.54 18.73 -18.38
C ASP A 92 -10.95 18.25 -18.65
N ASP A 93 -11.14 17.55 -19.77
CA ASP A 93 -12.43 16.91 -20.07
C ASP A 93 -12.90 16.02 -18.92
N LEU A 94 -12.04 15.11 -18.44
CA LEU A 94 -12.45 14.14 -17.44
C LEU A 94 -12.70 14.76 -16.07
N HIS A 95 -11.96 15.82 -15.72
CA HIS A 95 -12.18 16.48 -14.43
C HIS A 95 -13.57 17.10 -14.37
N SER A 96 -13.99 17.76 -15.46
CA SER A 96 -15.35 18.30 -15.50
C SER A 96 -16.38 17.19 -15.52
N MET A 97 -16.01 16.00 -16.00
CA MET A 97 -16.88 14.84 -16.04
C MET A 97 -16.93 14.07 -14.72
N GLY A 98 -16.17 14.47 -13.70
CA GLY A 98 -16.20 13.75 -12.43
C GLY A 98 -14.86 13.37 -11.83
N ALA A 99 -13.83 13.28 -12.65
CA ALA A 99 -12.53 12.83 -12.15
C ALA A 99 -11.93 13.88 -11.21
N GLY A 100 -11.00 13.43 -10.40
CA GLY A 100 -10.36 14.27 -9.42
C GLY A 100 -8.92 13.85 -9.14
N ASP A 101 -8.63 13.54 -7.88
CA ASP A 101 -7.23 13.37 -7.48
C ASP A 101 -6.65 12.01 -7.83
N LEU A 102 -7.45 10.93 -7.82
CA LEU A 102 -6.90 9.63 -8.24
C LEU A 102 -6.41 9.68 -9.69
N LEU A 103 -7.12 10.40 -10.56
CA LEU A 103 -6.62 10.59 -11.93
C LEU A 103 -5.26 11.25 -11.94
N ASN A 104 -5.11 12.34 -11.19
CA ASN A 104 -3.82 13.03 -11.13
C ASN A 104 -2.74 12.11 -10.58
N SER A 105 -3.03 11.39 -9.50
CA SER A 105 -2.07 10.41 -8.97
C SER A 105 -1.68 9.39 -10.03
N MET A 106 -2.64 8.89 -10.81
CA MET A 106 -2.28 7.91 -11.81
C MET A 106 -1.40 8.49 -12.90
N PHE A 107 -1.58 9.77 -13.24
CA PHE A 107 -0.69 10.41 -14.21
C PHE A 107 0.74 10.51 -13.68
N GLU A 108 0.87 10.85 -12.40
CA GLU A 108 2.18 10.95 -11.77
C GLU A 108 2.85 9.59 -11.68
N PHE A 109 2.10 8.57 -11.27
CA PHE A 109 2.66 7.22 -11.29
C PHE A 109 3.08 6.83 -12.71
N SER A 110 2.19 7.06 -13.70
CA SER A 110 2.46 6.62 -15.06
C SER A 110 3.63 7.39 -15.68
N GLU A 111 3.64 8.71 -15.51
CA GLU A 111 4.78 9.51 -15.94
C GLU A 111 6.10 8.94 -15.43
N LYS A 112 6.19 8.67 -14.14
CA LYS A 112 7.44 8.15 -13.59
C LYS A 112 7.76 6.76 -14.14
N LEU A 113 6.74 5.92 -14.34
CA LEU A 113 6.99 4.55 -14.79
C LEU A 113 7.30 4.50 -16.28
N ASN A 114 6.48 5.16 -17.09
CA ASN A 114 6.79 5.33 -18.51
C ASN A 114 8.17 5.94 -18.70
N ALA A 115 8.56 6.84 -17.79
CA ALA A 115 9.90 7.43 -17.82
C ALA A 115 10.98 6.37 -17.85
N LEU A 116 10.76 5.23 -17.17
CA LEU A 116 11.79 4.19 -17.13
C LEU A 116 11.90 3.46 -18.47
N GLN A 117 10.85 3.53 -19.30
CA GLN A 117 10.82 2.88 -20.61
C GLN A 117 11.39 1.46 -20.56
N LEU A 118 10.83 0.66 -19.66
CA LEU A 118 11.20 -0.75 -19.55
C LEU A 118 10.81 -1.49 -20.83
N SER A 119 11.60 -2.49 -21.17
CA SER A 119 11.23 -3.38 -22.25
C SER A 119 10.09 -4.29 -21.78
N ASP A 120 9.61 -5.14 -22.69
CA ASP A 120 8.53 -6.04 -22.32
C ASP A 120 9.03 -7.14 -21.38
N GLU A 121 10.23 -7.65 -21.60
CA GLU A 121 10.78 -8.61 -20.64
C GLU A 121 10.86 -7.97 -19.26
N GLU A 122 11.47 -6.80 -19.16
CA GLU A 122 11.57 -6.14 -17.85
C GLU A 122 10.19 -5.90 -17.27
N MET A 123 9.26 -5.41 -18.10
CA MET A 123 7.91 -5.12 -17.67
C MET A 123 7.19 -6.40 -17.23
N SER A 124 7.24 -7.45 -18.05
CA SER A 124 6.51 -8.67 -17.72
C SER A 124 7.03 -9.29 -16.43
N LEU A 125 8.34 -9.20 -16.22
CA LEU A 125 8.93 -9.63 -14.97
C LEU A 125 8.56 -8.68 -13.83
N PHE A 126 8.42 -7.39 -14.12
CA PHE A 126 7.97 -6.44 -13.10
C PHE A 126 6.53 -6.73 -12.69
N THR A 127 5.66 -6.95 -13.66
CA THR A 127 4.25 -7.15 -13.37
C THR A 127 4.03 -8.40 -12.54
N ALA A 128 4.80 -9.46 -12.82
CA ALA A 128 4.70 -10.70 -12.07
C ALA A 128 5.11 -10.49 -10.62
N VAL A 129 6.17 -9.70 -10.38
CA VAL A 129 6.54 -9.28 -9.03
C VAL A 129 5.40 -8.50 -8.38
N VAL A 130 4.73 -7.65 -9.17
CA VAL A 130 3.59 -6.90 -8.68
C VAL A 130 2.46 -7.86 -8.30
N LEU A 131 2.24 -8.89 -9.12
CA LEU A 131 1.12 -9.78 -8.84
C LEU A 131 1.33 -10.49 -7.50
N VAL A 132 2.47 -11.17 -7.33
CA VAL A 132 2.73 -11.96 -6.13
C VAL A 132 3.15 -11.10 -4.95
N SER A 133 3.19 -9.78 -5.12
CA SER A 133 3.30 -8.85 -4.01
C SER A 133 1.94 -8.36 -3.53
N ALA A 134 0.86 -8.93 -4.07
CA ALA A 134 -0.47 -8.51 -3.67
C ALA A 134 -0.62 -8.65 -2.16
N ASP A 135 -1.52 -7.83 -1.60
CA ASP A 135 -1.76 -7.85 -0.16
C ASP A 135 -2.10 -9.27 0.27
N ARG A 136 -1.49 -9.71 1.38
CA ARG A 136 -1.51 -11.11 1.76
C ARG A 136 -2.61 -11.48 2.76
N SER A 137 -3.59 -10.61 3.00
CA SER A 137 -4.37 -10.80 4.22
C SER A 137 -5.29 -12.01 4.14
N GLY A 138 -5.68 -12.46 2.96
CA GLY A 138 -6.42 -13.69 2.83
C GLY A 138 -5.61 -14.92 2.49
N ILE A 139 -4.28 -14.87 2.56
CA ILE A 139 -3.39 -15.92 2.06
C ILE A 139 -3.14 -16.94 3.15
N GLU A 140 -3.17 -18.22 2.75
CA GLU A 140 -2.95 -19.32 3.68
C GLU A 140 -1.47 -19.63 3.88
N ASN A 141 -0.73 -19.88 2.79
CA ASN A 141 0.68 -20.25 2.89
C ASN A 141 1.57 -19.05 2.57
N VAL A 142 1.60 -18.10 3.51
CA VAL A 142 2.33 -16.85 3.30
C VAL A 142 3.78 -17.13 2.93
N ASN A 143 4.41 -18.09 3.60
CA ASN A 143 5.84 -18.36 3.35
C ASN A 143 6.07 -18.78 1.91
N SER A 144 5.18 -19.59 1.35
CA SER A 144 5.41 -20.03 -0.03
C SER A 144 5.21 -18.87 -1.01
N VAL A 145 4.24 -17.98 -0.75
CA VAL A 145 4.09 -16.82 -1.61
C VAL A 145 5.31 -15.91 -1.49
N GLU A 146 5.79 -15.68 -0.26
CA GLU A 146 7.01 -14.88 -0.09
C GLU A 146 8.24 -15.56 -0.67
N ALA A 147 8.24 -16.88 -0.82
CA ALA A 147 9.33 -17.55 -1.51
C ALA A 147 9.22 -17.36 -3.02
N LEU A 148 7.99 -17.38 -3.55
CA LEU A 148 7.81 -17.06 -4.96
C LEU A 148 8.10 -15.58 -5.20
N GLN A 149 7.56 -14.71 -4.36
CA GLN A 149 7.93 -13.30 -4.44
C GLN A 149 9.45 -13.14 -4.44
N GLU A 150 10.13 -13.81 -3.52
CA GLU A 150 11.59 -13.66 -3.40
C GLU A 150 12.30 -14.19 -4.66
N THR A 151 11.82 -15.29 -5.23
CA THR A 151 12.41 -15.81 -6.46
C THR A 151 12.22 -14.84 -7.62
N LEU A 152 11.01 -14.29 -7.76
CA LEU A 152 10.73 -13.38 -8.87
C LEU A 152 11.51 -12.09 -8.74
N ILE A 153 11.75 -11.62 -7.52
CA ILE A 153 12.53 -10.41 -7.33
C ILE A 153 13.97 -10.64 -7.79
N ARG A 154 14.52 -11.82 -7.47
CA ARG A 154 15.90 -12.13 -7.84
C ARG A 154 16.07 -12.13 -9.35
N ALA A 155 15.12 -12.73 -10.07
CA ALA A 155 15.11 -12.66 -11.53
C ALA A 155 15.03 -11.21 -12.00
N LEU A 156 14.21 -10.39 -11.34
CA LEU A 156 14.14 -8.97 -11.69
C LEU A 156 15.50 -8.29 -11.57
N ARG A 157 16.19 -8.47 -10.43
CA ARG A 157 17.49 -7.85 -10.27
C ARG A 157 18.47 -8.33 -11.33
N THR A 158 18.51 -9.64 -11.59
CA THR A 158 19.41 -10.18 -12.61
C THR A 158 19.09 -9.60 -13.98
N LEU A 159 17.81 -9.57 -14.35
CA LEU A 159 17.45 -9.00 -15.65
C LEU A 159 17.83 -7.53 -15.73
N ILE A 160 17.47 -6.73 -14.72
CA ILE A 160 17.87 -5.32 -14.70
C ILE A 160 19.39 -5.20 -14.77
N MET A 161 20.12 -6.04 -14.03
CA MET A 161 21.58 -5.94 -14.00
C MET A 161 22.17 -6.16 -15.38
N LYS A 162 21.67 -7.15 -16.11
CA LYS A 162 22.14 -7.40 -17.46
C LYS A 162 21.72 -6.31 -18.44
N ASN A 163 20.55 -5.70 -18.25
CA ASN A 163 20.05 -4.74 -19.22
C ASN A 163 20.48 -3.31 -18.91
N HIS A 164 20.72 -3.00 -17.65
CA HIS A 164 21.16 -1.67 -17.23
C HIS A 164 22.39 -1.82 -16.36
N PRO A 165 23.50 -2.30 -16.93
CA PRO A 165 24.70 -2.54 -16.11
C PRO A 165 25.15 -1.30 -15.37
N ASN A 166 25.01 -0.13 -15.99
CA ASN A 166 25.44 1.13 -15.41
C ASN A 166 24.30 1.88 -14.72
N GLU A 167 23.12 1.28 -14.59
CA GLU A 167 21.97 1.93 -13.95
C GLU A 167 21.31 0.96 -12.95
N ALA A 168 22.09 0.50 -11.96
CA ALA A 168 21.57 -0.49 -11.01
C ALA A 168 20.33 0.03 -10.28
N SER A 169 20.26 1.34 -10.06
CA SER A 169 19.21 1.94 -9.26
C SER A 169 17.80 1.77 -9.85
N ILE A 170 17.67 1.41 -11.13
CA ILE A 170 16.34 1.12 -11.68
C ILE A 170 15.65 0.05 -10.86
N PHE A 171 16.41 -0.95 -10.40
CA PHE A 171 15.80 -2.06 -9.67
C PHE A 171 15.14 -1.58 -8.39
N THR A 172 15.85 -0.80 -7.57
CA THR A 172 15.26 -0.26 -6.35
C THR A 172 14.10 0.69 -6.66
N LYS A 173 14.24 1.50 -7.72
CA LYS A 173 13.14 2.37 -8.14
C LYS A 173 11.90 1.56 -8.47
N LEU A 174 12.07 0.38 -9.07
CA LEU A 174 10.93 -0.48 -9.39
C LEU A 174 10.31 -1.06 -8.11
N LEU A 175 11.12 -1.38 -7.10
CA LEU A 175 10.54 -1.90 -5.86
C LEU A 175 9.74 -0.81 -5.15
N LEU A 176 10.26 0.41 -5.14
CA LEU A 176 9.61 1.49 -4.43
C LEU A 176 8.31 1.92 -5.11
N LYS A 177 8.03 1.40 -6.29
CA LYS A 177 6.70 1.57 -6.85
C LYS A 177 5.67 0.68 -6.16
N LEU A 178 6.08 -0.42 -5.52
CA LEU A 178 5.09 -1.30 -4.90
C LEU A 178 4.20 -0.58 -3.90
N PRO A 179 4.70 0.20 -2.94
CA PRO A 179 3.75 0.92 -2.06
C PRO A 179 2.90 1.95 -2.80
N ASP A 180 3.45 2.57 -3.85
CA ASP A 180 2.70 3.54 -4.67
C ASP A 180 1.52 2.87 -5.36
N LEU A 181 1.73 1.68 -5.93
CA LEU A 181 0.63 0.89 -6.50
C LEU A 181 -0.38 0.45 -5.44
N ARG A 182 0.06 0.26 -4.21
CA ARG A 182 -0.86 -0.17 -3.19
C ARG A 182 -1.73 0.99 -2.73
N SER A 183 -1.18 2.21 -2.71
CA SER A 183 -1.99 3.41 -2.43
C SER A 183 -2.96 3.70 -3.58
N LEU A 184 -2.50 3.60 -4.83
CA LEU A 184 -3.42 3.75 -5.96
C LEU A 184 -4.57 2.76 -5.87
N ASN A 185 -4.31 1.54 -5.37
CA ASN A 185 -5.36 0.53 -5.25
C ASN A 185 -6.38 0.90 -4.19
N ASN A 186 -5.91 1.26 -2.99
CA ASN A 186 -6.79 1.72 -1.93
C ASN A 186 -7.66 2.88 -2.39
N MET A 187 -7.04 3.95 -2.91
CA MET A 187 -7.84 5.08 -3.36
C MET A 187 -8.82 4.67 -4.44
N HIS A 188 -8.46 3.69 -5.25
CA HIS A 188 -9.33 3.32 -6.36
C HIS A 188 -10.51 2.47 -5.91
N SER A 189 -10.36 1.69 -4.83
CA SER A 189 -11.53 1.01 -4.26
C SER A 189 -12.41 2.00 -3.51
N GLU A 190 -11.79 2.99 -2.87
CA GLU A 190 -12.57 4.08 -2.31
C GLU A 190 -13.40 4.78 -3.39
N GLU A 191 -12.85 4.89 -4.60
CA GLU A 191 -13.62 5.43 -5.72
C GLU A 191 -14.74 4.47 -6.11
N LEU A 192 -14.48 3.17 -6.03
CA LEU A 192 -15.52 2.17 -6.35
C LEU A 192 -16.65 2.19 -5.35
N LEU A 193 -16.34 2.40 -4.07
CA LEU A 193 -17.42 2.39 -3.08
C LEU A 193 -18.26 3.66 -3.20
N ALA A 194 -17.61 4.79 -3.50
CA ALA A 194 -18.30 6.05 -3.76
C ALA A 194 -19.23 5.97 -4.96
N PHE A 195 -19.20 4.81 -5.61
CA PHE A 195 -20.18 4.50 -6.67
C PHE A 195 -21.56 4.60 -6.02
N LYS A 196 -21.62 4.51 -4.67
CA LYS A 196 -22.94 4.68 -4.04
C LYS A 196 -23.18 6.13 -3.64
N VAL A 197 -22.38 7.07 -4.17
CA VAL A 197 -22.55 8.54 -4.09
C VAL A 197 -21.99 9.16 -2.78
N HIS B 1 -15.92 -2.03 23.46
CA HIS B 1 -14.49 -2.30 23.42
C HIS B 1 -13.73 -1.39 22.45
N LEU B 2 -12.51 -1.02 22.83
CA LEU B 2 -11.56 -0.29 22.00
C LEU B 2 -10.28 -1.12 21.97
N VAL B 3 -10.21 -2.04 21.03
CA VAL B 3 -9.11 -3.03 20.93
C VAL B 3 -7.87 -2.50 20.21
N CYS B 4 -7.57 -1.22 20.30
CA CYS B 4 -6.33 -0.74 19.70
C CYS B 4 -5.26 -0.64 20.78
N PRO B 5 -4.11 -1.31 20.63
CA PRO B 5 -3.10 -1.31 21.70
C PRO B 5 -2.49 0.05 21.96
N MET B 6 -2.81 1.07 21.16
CA MET B 6 -2.52 2.44 21.55
C MET B 6 -3.38 2.87 22.74
N SER B 7 -4.43 2.11 23.06
CA SER B 7 -5.25 2.31 24.26
C SER B 7 -4.49 1.86 25.51
N LYS B 8 -4.90 2.44 26.65
CA LYS B 8 -4.48 1.91 27.95
C LYS B 8 -5.08 0.52 28.21
N SER B 9 -6.24 0.24 27.64
CA SER B 9 -6.94 -1.02 27.88
C SER B 9 -8.00 -1.19 26.81
N PRO B 10 -8.40 -2.44 26.51
CA PRO B 10 -9.51 -2.65 25.56
C PRO B 10 -10.88 -2.54 26.19
N TYR B 11 -10.94 -2.30 27.52
CA TYR B 11 -12.19 -2.17 28.22
C TYR B 11 -12.62 -0.70 28.18
N VAL B 12 -13.87 -0.47 27.80
CA VAL B 12 -14.43 0.87 27.75
C VAL B 12 -15.63 0.91 28.69
N ASP B 13 -15.58 1.82 29.66
CA ASP B 13 -16.72 2.05 30.56
C ASP B 13 -17.96 2.38 29.74
N PRO B 14 -19.01 1.56 29.78
CA PRO B 14 -20.19 1.81 28.93
C PRO B 14 -21.01 3.02 29.33
N HIS B 15 -20.79 3.59 30.52
CA HIS B 15 -21.49 4.80 30.95
C HIS B 15 -20.71 6.07 30.61
N LYS B 16 -19.95 6.00 29.51
CA LYS B 16 -19.10 7.07 29.01
C LYS B 16 -19.54 7.37 27.58
N SER B 17 -19.56 8.65 27.23
CA SER B 17 -19.99 9.03 25.90
C SER B 17 -18.82 8.87 24.93
N GLY B 18 -19.14 8.71 23.65
CA GLY B 18 -18.14 8.64 22.60
C GLY B 18 -17.02 9.67 22.73
N HIS B 19 -17.40 10.94 22.95
CA HIS B 19 -16.41 12.01 22.99
C HIS B 19 -15.49 11.89 24.19
N GLU B 20 -15.95 11.32 25.30
CA GLU B 20 -15.02 11.25 26.42
C GLU B 20 -14.21 9.97 26.40
N ILE B 21 -14.79 8.87 25.91
CA ILE B 21 -14.00 7.70 25.52
C ILE B 21 -12.83 8.11 24.64
N TRP B 22 -13.11 8.93 23.62
CA TRP B 22 -12.06 9.31 22.69
C TRP B 22 -11.04 10.21 23.36
N GLU B 23 -11.50 11.12 24.21
CA GLU B 23 -10.62 11.95 25.01
C GLU B 23 -9.55 11.11 25.74
N GLU B 24 -9.96 10.11 26.53
CA GLU B 24 -8.98 9.29 27.23
C GLU B 24 -8.06 8.59 26.25
N PHE B 25 -8.65 7.94 25.23
CA PHE B 25 -7.85 7.29 24.21
C PHE B 25 -6.82 8.25 23.65
N SER B 26 -7.25 9.44 23.24
CA SER B 26 -6.33 10.43 22.68
C SER B 26 -5.24 10.82 23.67
N MET B 27 -5.56 10.83 24.97
CA MET B 27 -4.53 10.97 25.99
C MET B 27 -3.45 9.90 25.83
N SER B 28 -3.84 8.70 25.40
CA SER B 28 -2.85 7.64 25.31
C SER B 28 -2.02 7.71 24.04
N PHE B 29 -2.62 8.01 22.88
CA PHE B 29 -1.83 7.92 21.66
C PHE B 29 -1.12 9.23 21.27
N THR B 30 -1.57 10.38 21.78
CA THR B 30 -0.97 11.66 21.38
C THR B 30 0.52 11.75 21.67
N PRO B 31 1.05 11.25 22.79
CA PRO B 31 2.52 11.29 22.96
C PRO B 31 3.26 10.47 21.91
N ALA B 32 2.75 9.30 21.54
CA ALA B 32 3.43 8.51 20.52
C ALA B 32 3.43 9.25 19.17
N VAL B 33 2.33 9.93 18.86
CA VAL B 33 2.26 10.73 17.64
C VAL B 33 3.26 11.88 17.70
N LYS B 34 3.29 12.62 18.82
CA LYS B 34 4.23 13.74 18.95
C LYS B 34 5.67 13.27 18.81
N GLU B 35 5.95 12.05 19.26
CA GLU B 35 7.30 11.50 19.16
C GLU B 35 7.67 11.23 17.72
N VAL B 36 6.72 10.76 16.90
CA VAL B 36 7.00 10.63 15.47
C VAL B 36 7.45 11.97 14.90
N VAL B 37 6.74 13.05 15.24
CA VAL B 37 7.12 14.38 14.76
C VAL B 37 8.57 14.68 15.11
N GLU B 38 8.97 14.41 16.36
CA GLU B 38 10.34 14.71 16.79
C GLU B 38 11.35 13.80 16.12
N PHE B 39 10.99 12.53 15.88
CA PHE B 39 11.85 11.64 15.09
C PHE B 39 12.04 12.20 13.68
N ALA B 40 10.94 12.63 13.04
CA ALA B 40 11.03 13.19 11.70
C ALA B 40 12.02 14.34 11.64
N LYS B 41 11.91 15.27 12.59
CA LYS B 41 12.82 16.45 12.64
C LYS B 41 14.29 16.02 12.76
N ARG B 42 14.55 14.75 13.11
CA ARG B 42 15.91 14.28 13.26
C ARG B 42 16.40 13.52 12.03
N ILE B 43 15.51 13.19 11.09
CA ILE B 43 15.96 12.48 9.88
C ILE B 43 16.75 13.46 9.02
N PRO B 44 17.93 13.09 8.50
CA PRO B 44 18.84 14.06 7.87
C PRO B 44 18.20 15.12 6.98
N GLY B 45 17.63 14.74 5.84
CA GLY B 45 17.13 15.79 4.95
C GLY B 45 15.69 16.22 5.12
N PHE B 46 15.05 15.86 6.22
CA PHE B 46 13.61 16.06 6.34
C PHE B 46 13.26 17.54 6.51
N ARG B 47 14.04 18.29 7.28
CA ARG B 47 13.61 19.66 7.56
C ARG B 47 13.79 20.57 6.34
N ASP B 48 14.60 20.16 5.35
CA ASP B 48 14.75 20.92 4.11
C ASP B 48 13.58 20.77 3.16
N LEU B 49 12.75 19.74 3.33
CA LEU B 49 11.50 19.69 2.59
C LEU B 49 10.65 20.89 2.95
N SER B 50 9.77 21.27 2.03
CA SER B 50 8.80 22.32 2.32
C SER B 50 7.94 21.95 3.53
N GLN B 51 7.47 22.98 4.24
CA GLN B 51 6.64 22.74 5.42
C GLN B 51 5.44 21.88 5.08
N HIS B 52 4.83 22.11 3.93
CA HIS B 52 3.61 21.39 3.59
C HIS B 52 3.88 19.92 3.35
N ASP B 53 5.04 19.60 2.76
CA ASP B 53 5.32 18.20 2.48
C ASP B 53 5.76 17.45 3.74
N GLN B 54 6.43 18.11 4.67
CA GLN B 54 6.73 17.48 5.95
C GLN B 54 5.43 17.05 6.64
N VAL B 55 4.47 17.97 6.71
CA VAL B 55 3.22 17.71 7.40
C VAL B 55 2.44 16.60 6.70
N ASN B 56 2.37 16.64 5.37
CA ASN B 56 1.61 15.63 4.65
C ASN B 56 2.28 14.26 4.69
N LEU B 57 3.61 14.21 4.84
CA LEU B 57 4.28 12.93 5.06
C LEU B 57 3.94 12.38 6.44
N LEU B 58 3.92 13.26 7.43
CA LEU B 58 3.64 12.80 8.79
C LEU B 58 2.15 12.49 8.97
N LYS B 59 1.26 13.25 8.31
CA LYS B 59 -0.17 12.92 8.36
C LYS B 59 -0.44 11.53 7.79
N ALA B 60 0.20 11.19 6.67
CA ALA B 60 -0.01 9.90 6.00
C ALA B 60 0.89 8.77 6.49
N GLY B 61 1.98 9.06 7.20
CA GLY B 61 2.94 7.99 7.48
C GLY B 61 3.18 7.65 8.94
N THR B 62 2.76 8.55 9.83
CA THR B 62 2.79 8.29 11.27
C THR B 62 2.33 6.88 11.63
N PHE B 63 1.21 6.42 11.06
CA PHE B 63 0.78 5.06 11.40
C PHE B 63 1.84 4.03 11.03
N GLU B 64 2.41 4.14 9.83
CA GLU B 64 3.35 3.10 9.42
C GLU B 64 4.63 3.19 10.24
N VAL B 65 5.02 4.39 10.63
CA VAL B 65 6.15 4.57 11.54
C VAL B 65 5.85 3.89 12.86
N LEU B 66 4.64 4.10 13.39
CA LEU B 66 4.27 3.55 14.68
C LEU B 66 4.12 2.04 14.63
N MET B 67 3.51 1.53 13.55
CA MET B 67 3.46 0.10 13.34
C MET B 67 4.86 -0.52 13.35
N VAL B 68 5.90 0.23 13.00
CA VAL B 68 7.24 -0.32 13.09
C VAL B 68 7.83 -0.18 14.50
N ARG B 69 7.67 0.98 15.16
CA ARG B 69 8.19 1.16 16.51
C ARG B 69 7.51 0.25 17.53
N PHE B 70 6.24 -0.10 17.29
CA PHE B 70 5.46 -0.87 18.24
C PHE B 70 5.29 -2.33 17.81
N ALA B 71 6.15 -2.80 16.90
CA ALA B 71 6.06 -4.19 16.49
C ALA B 71 6.32 -5.12 17.65
N SER B 72 7.09 -4.66 18.66
CA SER B 72 7.38 -5.50 19.81
C SER B 72 6.18 -5.64 20.75
N LEU B 73 5.15 -4.80 20.62
CA LEU B 73 3.88 -5.00 21.34
C LEU B 73 3.22 -6.32 20.98
N PHE B 74 3.56 -6.86 19.83
CA PHE B 74 2.99 -8.11 19.33
C PHE B 74 4.01 -9.22 19.59
N ASP B 75 3.73 -10.02 20.59
CA ASP B 75 4.56 -11.17 20.95
C ASP B 75 3.97 -12.39 20.26
N ALA B 76 4.71 -12.95 19.30
CA ALA B 76 4.25 -14.13 18.58
C ALA B 76 4.32 -15.40 19.44
N LYS B 77 5.39 -15.55 20.22
CA LYS B 77 5.53 -16.71 21.10
C LYS B 77 4.35 -16.83 22.07
N GLU B 78 3.94 -15.72 22.67
CA GLU B 78 2.87 -15.77 23.66
C GLU B 78 1.48 -15.53 23.10
N ARG B 79 1.37 -15.11 21.84
CA ARG B 79 0.11 -14.63 21.27
C ARG B 79 -0.56 -13.63 22.20
N THR B 80 0.22 -12.71 22.74
CA THR B 80 -0.33 -11.58 23.48
C THR B 80 -0.01 -10.26 22.80
N VAL B 81 -0.85 -9.27 23.09
CA VAL B 81 -0.65 -7.90 22.66
C VAL B 81 -0.45 -7.05 23.90
N THR B 82 0.64 -6.30 23.95
CA THR B 82 0.90 -5.42 25.08
C THR B 82 0.33 -4.03 24.80
N PHE B 83 -0.66 -3.62 25.60
CA PHE B 83 -1.22 -2.30 25.38
C PHE B 83 -0.29 -1.23 25.97
N LEU B 84 -0.53 0.03 25.58
CA LEU B 84 0.39 1.11 25.94
C LEU B 84 0.47 1.30 27.45
N SER B 85 -0.58 0.93 28.19
CA SER B 85 -0.52 0.91 29.64
C SER B 85 0.49 -0.08 30.19
N GLY B 86 0.96 -1.01 29.36
CA GLY B 86 1.76 -2.11 29.83
C GLY B 86 0.98 -3.38 30.09
N LYS B 87 -0.34 -3.29 30.25
CA LYS B 87 -1.16 -4.48 30.40
C LYS B 87 -1.03 -5.37 29.17
N LYS B 88 -1.11 -6.68 29.39
CA LYS B 88 -1.03 -7.66 28.33
C LYS B 88 -2.38 -8.35 28.15
N TYR B 89 -2.71 -8.64 26.90
CA TYR B 89 -3.95 -9.32 26.55
C TYR B 89 -3.67 -10.37 25.48
N SER B 90 -4.43 -11.46 25.52
CA SER B 90 -4.22 -12.53 24.56
C SER B 90 -5.03 -12.28 23.29
N VAL B 91 -4.59 -12.91 22.21
CA VAL B 91 -5.30 -12.74 20.94
C VAL B 91 -6.72 -13.22 21.08
N ASP B 92 -6.93 -14.34 21.78
CA ASP B 92 -8.28 -14.85 21.99
C ASP B 92 -9.14 -13.86 22.75
N ASP B 93 -8.62 -13.29 23.84
CA ASP B 93 -9.28 -12.17 24.51
C ASP B 93 -9.73 -11.11 23.49
N LEU B 94 -8.77 -10.57 22.74
CA LEU B 94 -9.08 -9.48 21.82
C LEU B 94 -10.05 -9.92 20.72
N HIS B 95 -9.95 -11.18 20.27
CA HIS B 95 -10.86 -11.67 19.23
C HIS B 95 -12.31 -11.66 19.69
N SER B 96 -12.58 -11.90 20.98
CA SER B 96 -13.96 -11.90 21.43
C SER B 96 -14.49 -10.51 21.77
N MET B 97 -13.61 -9.54 22.03
CA MET B 97 -13.98 -8.14 22.14
C MET B 97 -14.02 -7.43 20.80
N GLY B 98 -13.85 -8.16 19.69
CA GLY B 98 -13.99 -7.57 18.37
C GLY B 98 -12.79 -7.72 17.45
N ALA B 99 -11.62 -8.11 17.93
CA ALA B 99 -10.45 -8.15 17.03
C ALA B 99 -10.54 -9.30 16.03
N GLY B 100 -9.87 -9.15 14.90
CA GLY B 100 -9.87 -10.12 13.81
C GLY B 100 -8.60 -10.15 13.00
N ASP B 101 -8.76 -10.05 11.68
CA ASP B 101 -7.71 -10.16 10.63
C ASP B 101 -6.62 -9.10 10.77
N LEU B 102 -6.97 -7.85 11.02
CA LEU B 102 -5.90 -6.83 11.15
C LEU B 102 -4.96 -7.19 12.29
N LEU B 103 -5.49 -7.63 13.43
CA LEU B 103 -4.61 -8.07 14.51
C LEU B 103 -3.69 -9.21 14.05
N ASN B 104 -4.26 -10.22 13.39
CA ASN B 104 -3.44 -11.32 12.91
C ASN B 104 -2.42 -10.82 11.88
N SER B 105 -2.86 -10.01 10.92
CA SER B 105 -1.91 -9.43 9.97
C SER B 105 -0.75 -8.73 10.68
N MET B 106 -1.01 -8.10 11.83
CA MET B 106 0.03 -7.37 12.53
C MET B 106 1.01 -8.29 13.24
N PHE B 107 0.51 -9.38 13.84
CA PHE B 107 1.38 -10.40 14.40
C PHE B 107 2.29 -10.99 13.33
N GLU B 108 1.71 -11.32 12.19
CA GLU B 108 2.51 -11.79 11.09
C GLU B 108 3.61 -10.78 10.76
N PHE B 109 3.24 -9.50 10.66
CA PHE B 109 4.22 -8.48 10.33
C PHE B 109 5.32 -8.38 11.39
N SER B 110 4.94 -8.30 12.67
CA SER B 110 5.94 -8.23 13.74
C SER B 110 6.88 -9.43 13.73
N GLU B 111 6.33 -10.64 13.57
CA GLU B 111 7.14 -11.85 13.48
C GLU B 111 8.19 -11.75 12.37
N LYS B 112 7.76 -11.39 11.16
CA LYS B 112 8.66 -11.23 10.03
C LYS B 112 9.72 -10.15 10.28
N LEU B 113 9.36 -9.08 10.98
CA LEU B 113 10.30 -7.97 11.16
C LEU B 113 11.31 -8.26 12.25
N ASN B 114 10.87 -8.83 13.39
CA ASN B 114 11.79 -9.28 14.43
C ASN B 114 12.75 -10.35 13.91
N ALA B 115 12.28 -11.21 13.01
CA ALA B 115 13.14 -12.23 12.41
C ALA B 115 14.39 -11.63 11.76
N LEU B 116 14.30 -10.44 11.17
CA LEU B 116 15.44 -9.83 10.45
C LEU B 116 16.54 -9.45 11.39
N GLN B 117 16.31 -9.57 12.69
CA GLN B 117 17.27 -9.26 13.79
C GLN B 117 18.13 -8.04 13.43
N LEU B 118 17.53 -6.87 13.44
CA LEU B 118 18.25 -5.64 13.11
C LEU B 118 18.69 -4.95 14.38
N SER B 119 19.79 -4.21 14.34
CA SER B 119 20.24 -3.29 15.37
C SER B 119 19.28 -2.09 15.45
N ASP B 120 19.37 -1.36 16.57
CA ASP B 120 18.57 -0.15 16.72
C ASP B 120 18.85 0.82 15.59
N GLU B 121 20.13 1.02 15.26
CA GLU B 121 20.48 1.95 14.19
C GLU B 121 19.82 1.56 12.87
N GLU B 122 19.94 0.30 12.46
CA GLU B 122 19.28 -0.14 11.24
C GLU B 122 17.79 0.04 11.32
N MET B 123 17.25 -0.12 12.54
CA MET B 123 15.82 0.06 12.75
C MET B 123 15.43 1.53 12.59
N SER B 124 16.21 2.44 13.18
CA SER B 124 15.87 3.87 13.07
C SER B 124 16.02 4.38 11.65
N LEU B 125 16.91 3.80 10.85
CA LEU B 125 17.03 4.24 9.47
C LEU B 125 15.92 3.63 8.61
N PHE B 126 15.62 2.35 8.83
CA PHE B 126 14.47 1.76 8.16
C PHE B 126 13.20 2.55 8.42
N THR B 127 13.03 3.06 9.65
CA THR B 127 11.81 3.80 9.96
C THR B 127 11.78 5.15 9.29
N ALA B 128 12.93 5.82 9.16
CA ALA B 128 13.02 7.03 8.34
C ALA B 128 12.68 6.73 6.90
N VAL B 129 13.14 5.59 6.39
CA VAL B 129 12.78 5.18 5.05
C VAL B 129 11.26 5.01 4.96
N VAL B 130 10.67 4.41 5.98
CA VAL B 130 9.23 4.18 6.01
C VAL B 130 8.48 5.50 5.92
N LEU B 131 8.87 6.48 6.73
CA LEU B 131 8.16 7.76 6.79
C LEU B 131 8.22 8.50 5.46
N VAL B 132 9.40 8.68 4.87
N VAL B 132 9.40 8.75 4.92
CA VAL B 132 9.56 9.42 3.63
CA VAL B 132 9.56 9.43 3.63
C VAL B 132 9.03 8.60 2.46
C VAL B 132 8.99 8.61 2.47
N SER B 133 8.60 7.37 2.72
CA SER B 133 7.91 6.56 1.71
C SER B 133 6.41 6.77 1.75
N ALA B 134 5.91 7.56 2.69
CA ALA B 134 4.47 7.68 2.87
C ALA B 134 3.77 8.02 1.56
N ASP B 135 2.49 7.69 1.49
CA ASP B 135 1.61 8.06 0.39
C ASP B 135 1.84 9.49 -0.07
N ARG B 136 1.95 9.70 -1.38
CA ARG B 136 2.36 10.97 -1.95
C ARG B 136 1.20 11.82 -2.47
N SER B 137 -0.05 11.49 -2.12
CA SER B 137 -1.19 12.18 -2.73
C SER B 137 -1.18 13.68 -2.43
N GLY B 138 -0.93 14.07 -1.19
CA GLY B 138 -0.89 15.50 -0.95
C GLY B 138 0.49 16.14 -1.02
N ILE B 139 1.38 15.67 -1.88
CA ILE B 139 2.76 16.15 -1.88
C ILE B 139 2.96 17.07 -3.08
N GLU B 140 3.64 18.19 -2.84
CA GLU B 140 3.84 19.25 -3.81
C GLU B 140 5.21 19.22 -4.48
N ASN B 141 6.24 18.66 -3.83
CA ASN B 141 7.58 18.55 -4.40
C ASN B 141 7.96 17.06 -4.42
N VAL B 142 7.37 16.33 -5.37
CA VAL B 142 7.51 14.88 -5.40
C VAL B 142 8.95 14.46 -5.60
N ASN B 143 9.68 15.15 -6.49
CA ASN B 143 11.04 14.70 -6.73
C ASN B 143 11.93 14.92 -5.52
N SER B 144 11.69 15.96 -4.72
CA SER B 144 12.54 16.14 -3.54
C SER B 144 12.28 15.06 -2.51
N VAL B 145 11.01 14.68 -2.30
CA VAL B 145 10.70 13.58 -1.39
C VAL B 145 11.32 12.28 -1.88
N GLU B 146 11.24 12.03 -3.18
CA GLU B 146 11.76 10.78 -3.72
C GLU B 146 13.27 10.77 -3.80
N ALA B 147 13.89 11.96 -3.82
CA ALA B 147 15.34 12.03 -3.72
C ALA B 147 15.82 11.77 -2.29
N LEU B 148 15.08 12.28 -1.31
CA LEU B 148 15.36 11.96 0.08
C LEU B 148 15.15 10.48 0.33
N GLN B 149 14.08 9.91 -0.22
CA GLN B 149 13.82 8.50 -0.02
C GLN B 149 14.91 7.65 -0.67
N GLU B 150 15.25 7.95 -1.93
CA GLU B 150 16.29 7.19 -2.62
C GLU B 150 17.63 7.25 -1.90
N THR B 151 17.95 8.37 -1.24
CA THR B 151 19.24 8.43 -0.56
C THR B 151 19.20 7.70 0.78
N LEU B 152 18.08 7.80 1.50
CA LEU B 152 17.92 7.00 2.70
C LEU B 152 17.98 5.51 2.37
N ILE B 153 17.25 5.09 1.34
CA ILE B 153 17.28 3.70 0.90
C ILE B 153 18.70 3.25 0.62
N ARG B 154 19.48 4.10 -0.04
CA ARG B 154 20.85 3.74 -0.39
C ARG B 154 21.70 3.65 0.86
N ALA B 155 21.55 4.62 1.77
CA ALA B 155 22.25 4.54 3.04
C ALA B 155 21.90 3.25 3.76
N LEU B 156 20.61 2.87 3.72
CA LEU B 156 20.17 1.68 4.43
C LEU B 156 20.78 0.42 3.82
N ARG B 157 20.91 0.38 2.49
CA ARG B 157 21.49 -0.79 1.84
C ARG B 157 22.96 -0.96 2.21
N THR B 158 23.69 0.15 2.35
CA THR B 158 25.09 0.03 2.73
C THR B 158 25.23 -0.48 4.17
N LEU B 159 24.36 -0.03 5.06
CA LEU B 159 24.47 -0.43 6.44
C LEU B 159 24.03 -1.88 6.63
N ILE B 160 23.01 -2.31 5.88
CA ILE B 160 22.53 -3.68 5.98
C ILE B 160 23.54 -4.65 5.37
N MET B 161 24.16 -4.26 4.26
CA MET B 161 25.14 -5.13 3.63
C MET B 161 26.38 -5.27 4.51
N LYS B 162 26.79 -4.19 5.18
CA LYS B 162 27.96 -4.25 6.05
C LYS B 162 27.71 -5.08 7.31
N ASN B 163 26.50 -5.04 7.86
CA ASN B 163 26.23 -5.67 9.15
C ASN B 163 25.67 -7.08 9.03
N HIS B 164 25.00 -7.41 7.93
CA HIS B 164 24.47 -8.75 7.69
C HIS B 164 25.13 -9.34 6.45
N PRO B 165 26.46 -9.54 6.48
CA PRO B 165 27.17 -9.95 5.27
C PRO B 165 26.83 -11.35 4.80
N ASN B 166 26.11 -12.12 5.61
CA ASN B 166 25.69 -13.48 5.30
C ASN B 166 24.33 -13.53 4.63
N GLU B 167 23.88 -12.41 4.06
CA GLU B 167 22.46 -12.21 3.82
C GLU B 167 22.15 -10.81 3.32
N ALA B 168 22.62 -10.44 2.13
CA ALA B 168 22.22 -9.15 1.59
C ALA B 168 20.71 -9.11 1.34
N SER B 169 20.06 -10.27 1.18
CA SER B 169 18.62 -10.35 0.96
C SER B 169 17.78 -9.69 2.05
N ILE B 170 18.36 -9.35 3.21
CA ILE B 170 17.59 -8.65 4.24
C ILE B 170 17.15 -7.27 3.74
N PHE B 171 17.94 -6.66 2.84
CA PHE B 171 17.57 -5.35 2.32
C PHE B 171 16.31 -5.43 1.47
N THR B 172 16.27 -6.40 0.55
CA THR B 172 15.08 -6.59 -0.30
C THR B 172 13.84 -6.87 0.54
N LYS B 173 13.95 -7.80 1.49
CA LYS B 173 12.86 -8.06 2.43
C LYS B 173 12.39 -6.79 3.12
N LEU B 174 13.31 -5.97 3.63
CA LEU B 174 12.93 -4.69 4.21
C LEU B 174 12.15 -3.85 3.21
N LEU B 175 12.64 -3.78 1.96
CA LEU B 175 11.93 -3.01 0.95
C LEU B 175 10.50 -3.53 0.75
N LEU B 176 10.33 -4.86 0.70
CA LEU B 176 9.02 -5.46 0.47
C LEU B 176 8.10 -5.31 1.65
N LYS B 177 8.59 -4.81 2.77
CA LYS B 177 7.72 -4.46 3.89
C LYS B 177 6.93 -3.18 3.64
N LEU B 178 7.32 -2.36 2.64
CA LEU B 178 6.68 -1.07 2.41
C LEU B 178 5.28 -1.25 1.82
N PRO B 179 5.05 -2.21 0.92
CA PRO B 179 3.65 -2.47 0.54
C PRO B 179 2.86 -3.16 1.66
N ASP B 180 3.51 -3.98 2.48
CA ASP B 180 2.84 -4.56 3.64
C ASP B 180 2.37 -3.46 4.60
N LEU B 181 3.27 -2.54 4.95
CA LEU B 181 2.90 -1.45 5.85
C LEU B 181 1.78 -0.62 5.25
N ARG B 182 1.80 -0.45 3.93
CA ARG B 182 0.76 0.33 3.29
C ARG B 182 -0.58 -0.39 3.39
N SER B 183 -0.57 -1.72 3.30
CA SER B 183 -1.82 -2.46 3.39
C SER B 183 -2.38 -2.47 4.81
N LEU B 184 -1.52 -2.62 5.81
CA LEU B 184 -1.96 -2.51 7.20
C LEU B 184 -2.56 -1.12 7.44
N ASN B 185 -1.88 -0.07 6.95
CA ASN B 185 -2.43 1.27 7.05
C ASN B 185 -3.85 1.33 6.47
N ASN B 186 -4.05 0.78 5.27
N ASN B 186 -4.04 0.79 5.26
CA ASN B 186 -5.39 0.84 4.70
CA ASN B 186 -5.37 0.79 4.66
C ASN B 186 -6.38 -0.01 5.49
C ASN B 186 -6.36 0.00 5.51
N MET B 187 -5.96 -1.20 5.93
CA MET B 187 -6.85 -2.01 6.75
C MET B 187 -7.22 -1.25 8.03
N HIS B 188 -6.22 -0.67 8.68
CA HIS B 188 -6.45 0.02 9.95
C HIS B 188 -7.35 1.24 9.78
N SER B 189 -7.16 1.97 8.68
CA SER B 189 -8.04 3.12 8.42
C SER B 189 -9.49 2.67 8.32
N GLU B 190 -9.74 1.60 7.55
CA GLU B 190 -11.07 1.02 7.48
C GLU B 190 -11.60 0.60 8.85
N GLU B 191 -10.76 0.03 9.71
CA GLU B 191 -11.24 -0.28 11.05
C GLU B 191 -11.62 0.98 11.82
N LEU B 192 -10.93 2.08 11.53
CA LEU B 192 -11.16 3.34 12.21
C LEU B 192 -12.49 3.94 11.77
N LEU B 193 -12.71 3.99 10.46
CA LEU B 193 -14.00 4.35 9.91
C LEU B 193 -15.12 3.53 10.52
N ALA B 194 -14.94 2.20 10.55
CA ALA B 194 -15.97 1.29 11.07
C ALA B 194 -16.36 1.65 12.50
N PHE B 195 -15.37 1.92 13.34
CA PHE B 195 -15.60 2.39 14.71
C PHE B 195 -16.47 3.66 14.77
N LYS B 196 -16.53 4.39 13.69
CA LYS B 196 -17.31 5.63 13.65
C LYS B 196 -18.71 5.37 13.08
N VAL B 197 -19.02 4.19 12.54
CA VAL B 197 -20.30 3.97 11.90
C VAL B 197 -21.15 2.86 12.56
N ILE C 6 -15.78 -1.65 2.87
CA ILE C 6 -15.38 -3.05 2.57
C ILE C 6 -15.34 -3.34 1.06
N THR C 7 -16.39 -3.09 0.29
CA THR C 7 -16.37 -3.48 -1.15
C THR C 7 -15.19 -2.90 -1.93
N LEU C 8 -14.49 -3.79 -2.63
CA LEU C 8 -13.27 -3.52 -3.42
C LEU C 8 -13.45 -4.12 -4.79
N ALA C 9 -12.34 -4.57 -5.41
CA ALA C 9 -12.37 -5.36 -6.67
C ALA C 9 -12.84 -6.78 -6.31
N ASP C 10 -14.17 -6.91 -6.21
CA ASP C 10 -15.03 -8.03 -5.79
C ASP C 10 -15.88 -8.36 -7.02
N HIS C 11 -16.07 -7.40 -7.92
CA HIS C 11 -16.76 -7.58 -9.21
C HIS C 11 -15.83 -8.31 -10.16
N ILE C 12 -14.67 -8.66 -9.67
CA ILE C 12 -13.62 -9.34 -10.42
C ILE C 12 -13.58 -10.81 -10.01
N CYS C 13 -14.05 -11.10 -8.79
CA CYS C 13 -14.15 -12.45 -8.25
C CYS C 13 -14.73 -13.48 -9.20
N GLN C 14 -15.87 -13.17 -9.81
CA GLN C 14 -16.54 -14.15 -10.66
C GLN C 14 -15.70 -14.46 -11.89
N ILE C 15 -14.96 -13.50 -12.41
CA ILE C 15 -14.15 -13.75 -13.60
C ILE C 15 -12.96 -14.64 -13.26
N ILE C 16 -12.38 -14.48 -12.07
CA ILE C 16 -11.21 -15.28 -11.72
C ILE C 16 -11.61 -16.69 -11.32
N THR C 17 -12.68 -16.85 -10.56
CA THR C 17 -13.10 -18.19 -10.21
C THR C 17 -13.50 -19.01 -11.45
N GLN C 18 -13.99 -18.35 -12.49
CA GLN C 18 -14.54 -19.09 -13.63
C GLN C 18 -13.43 -19.68 -14.50
N ASP C 19 -12.22 -19.17 -14.31
CA ASP C 19 -11.03 -19.72 -15.00
C ASP C 19 -10.30 -20.65 -14.01
N PHE C 20 -11.06 -21.26 -13.07
CA PHE C 20 -10.48 -22.13 -12.06
C PHE C 20 -11.45 -23.30 -11.84
N THR D 7 -12.79 8.32 4.16
CA THR D 7 -11.93 9.41 3.72
C THR D 7 -11.06 9.91 4.87
N LEU D 8 -10.76 9.05 5.87
CA LEU D 8 -10.10 9.56 7.08
C LEU D 8 -8.83 8.85 7.59
N ALA D 9 -8.57 9.06 8.90
CA ALA D 9 -7.40 8.76 9.75
C ALA D 9 -6.65 10.04 10.09
N ASP D 10 -7.33 11.17 9.86
CA ASP D 10 -6.85 12.52 10.14
C ASP D 10 -7.29 13.02 11.54
N HIS D 11 -7.32 12.14 12.55
CA HIS D 11 -7.28 12.50 13.97
C HIS D 11 -5.89 12.86 14.41
N ILE D 12 -4.93 12.74 13.51
CA ILE D 12 -3.52 12.94 13.81
C ILE D 12 -3.09 14.35 13.35
N CYS D 13 -3.85 14.97 12.45
CA CYS D 13 -3.59 16.32 11.96
C CYS D 13 -3.30 17.31 13.08
N GLN D 14 -4.26 17.47 14.00
CA GLN D 14 -4.13 18.49 15.04
C GLN D 14 -2.80 18.33 15.76
N ILE D 15 -2.46 17.10 16.13
CA ILE D 15 -1.24 16.88 16.89
C ILE D 15 -0.02 17.25 16.06
N ILE D 16 -0.07 17.02 14.75
CA ILE D 16 1.07 17.25 13.87
C ILE D 16 1.16 18.70 13.42
N THR D 17 0.03 19.30 13.01
CA THR D 17 0.09 20.69 12.54
C THR D 17 0.42 21.66 13.67
N GLN D 18 0.10 21.30 14.91
CA GLN D 18 0.48 22.14 16.04
C GLN D 18 1.98 22.38 16.07
N ASP D 19 2.78 21.35 15.84
CA ASP D 19 4.25 21.48 15.99
C ASP D 19 4.90 22.36 14.92
N PHE D 20 4.17 22.85 13.96
CA PHE D 20 4.78 23.63 12.89
C PHE D 20 4.36 25.10 13.01
#